data_3B7V
#
_entry.id   3B7V
#
_cell.length_a   58.304
_cell.length_b   86.121
_cell.length_c   46.307
_cell.angle_alpha   90.00
_cell.angle_beta   90.00
_cell.angle_gamma   90.00
#
_symmetry.space_group_name_H-M   'P 21 21 2'
#
loop_
_entity.id
_entity.type
_entity.pdbx_description
1 polymer Protease
2 polymer peptide
3 non-polymer 'SODIUM ION'
4 non-polymer 'CHLORIDE ION'
5 non-polymer GLYCEROL
6 water water
#
loop_
_entity_poly.entity_id
_entity_poly.type
_entity_poly.pdbx_seq_one_letter_code
_entity_poly.pdbx_strand_id
1 'polypeptide(L)'
;PQITLWKRPLVTIKIGGQLKEALLDTGADDTVIEEMSLPGRWKPKMIGGIGGFIKVRQYDQIIIEIAGHKAIGTVLVGPT
PVNIIGRNLLTQIGATLNF
;
A,B
2 'polypeptide(L)' NL(LNT)QI C
#
loop_
_chem_comp.id
_chem_comp.type
_chem_comp.name
_chem_comp.formula
CL non-polymer 'CHLORIDE ION' 'Cl -1'
GOL non-polymer GLYCEROL 'C3 H8 O3'
LNT peptide-like N-[(2S)-2-amino-1,1-dihydroxy-4-methylpentyl]-L-threonine 'C10 H22 N2 O5'
NA non-polymer 'SODIUM ION' 'Na 1'
#
# COMPACT_ATOMS: atom_id res chain seq x y z
N PRO A 1 -15.93 8.96 4.56
CA PRO A 1 -16.50 7.71 5.08
C PRO A 1 -15.53 6.93 5.95
N GLN A 2 -16.04 5.80 6.42
CA GLN A 2 -15.22 4.79 7.06
C GLN A 2 -15.14 3.63 6.08
N ILE A 3 -13.94 3.24 5.72
CA ILE A 3 -13.78 2.17 4.71
C ILE A 3 -13.20 0.93 5.39
N THR A 4 -13.94 -0.17 5.30
CA THR A 4 -13.43 -1.37 5.91
C THR A 4 -12.53 -2.05 4.90
N LEU A 5 -11.79 -3.04 5.37
CA LEU A 5 -10.72 -3.50 4.51
C LEU A 5 -10.95 -4.94 4.10
N TRP A 6 -12.20 -5.36 4.15
CA TRP A 6 -12.48 -6.69 3.67
C TRP A 6 -12.20 -6.80 2.17
N LYS A 7 -12.36 -5.70 1.47
CA LYS A 7 -12.17 -5.60 0.04
C LYS A 7 -11.13 -4.56 -0.25
N ARG A 8 -10.60 -4.54 -1.46
CA ARG A 8 -9.69 -3.46 -1.84
C ARG A 8 -10.39 -2.11 -1.72
N PRO A 9 -9.74 -1.13 -1.07
CA PRO A 9 -10.33 0.22 -0.93
C PRO A 9 -10.18 1.08 -2.18
N LEU A 10 -11.10 0.78 -3.08
CA LEU A 10 -11.17 1.47 -4.38
C LEU A 10 -12.17 2.59 -4.34
N VAL A 11 -11.74 3.72 -4.90
CA VAL A 11 -12.59 4.88 -4.99
C VAL A 11 -12.50 5.50 -6.38
N THR A 12 -13.50 6.35 -6.65
CA THR A 12 -13.44 7.11 -7.90
C THR A 12 -12.70 8.42 -7.70
N ILE A 13 -11.85 8.69 -8.68
CA ILE A 13 -11.10 9.93 -8.72
C ILE A 13 -11.40 10.66 -10.03
N LYS A 14 -11.18 11.97 -9.97
CA LYS A 14 -11.21 12.78 -11.18
C LYS A 14 -9.86 13.49 -11.29
N ILE A 15 -9.22 13.27 -12.44
CA ILE A 15 -7.91 13.82 -12.70
C ILE A 15 -7.79 14.14 -14.18
N GLY A 16 -7.28 15.33 -14.49
CA GLY A 16 -7.18 15.70 -15.91
C GLY A 16 -8.52 15.64 -16.59
N GLY A 17 -9.61 15.89 -15.89
CA GLY A 17 -10.93 15.85 -16.47
C GLY A 17 -11.48 14.46 -16.70
N GLN A 18 -10.75 13.43 -16.28
CA GLN A 18 -11.12 12.05 -16.46
C GLN A 18 -11.53 11.35 -15.19
N LEU A 19 -12.53 10.52 -15.21
CA LEU A 19 -12.82 9.67 -14.08
C LEU A 19 -12.02 8.39 -14.13
N LYS A 20 -11.44 8.00 -13.03
CA LYS A 20 -10.71 6.76 -12.90
C LYS A 20 -11.04 6.12 -11.56
N GLU A 21 -10.79 4.84 -11.47
CA GLU A 21 -10.78 4.07 -10.23
C GLU A 21 -9.37 4.01 -9.68
N ALA A 22 -9.23 4.20 -8.37
CA ALA A 22 -7.91 4.16 -7.76
C ALA A 22 -8.00 3.51 -6.40
N LEU A 23 -6.89 2.92 -5.98
CA LEU A 23 -6.66 2.27 -4.70
C LEU A 23 -6.13 3.23 -3.66
N LEU A 24 -6.76 3.33 -2.49
CA LEU A 24 -6.24 4.10 -1.38
C LEU A 24 -5.14 3.31 -0.69
N ASP A 25 -3.89 3.74 -0.81
CA ASP A 25 -2.73 2.90 -0.50
C ASP A 25 -1.82 3.55 0.56
N THR A 26 -2.02 3.20 1.84
CA THR A 26 -1.22 3.77 2.89
C THR A 26 0.24 3.30 2.81
N GLY A 27 0.56 2.28 2.06
CA GLY A 27 1.94 1.80 1.92
C GLY A 27 2.67 2.54 0.82
N ALA A 28 2.01 3.46 0.11
CA ALA A 28 2.60 4.19 -0.99
C ALA A 28 2.99 5.60 -0.55
N ASP A 29 4.24 6.00 -0.71
CA ASP A 29 4.64 7.37 -0.42
C ASP A 29 4.00 8.36 -1.38
N ASP A 30 3.86 7.94 -2.62
CA ASP A 30 3.54 8.73 -3.76
C ASP A 30 2.28 8.25 -4.48
N THR A 31 1.66 9.11 -5.26
CA THR A 31 0.50 8.81 -6.06
C THR A 31 0.92 8.45 -7.49
N VAL A 32 0.45 7.34 -8.04
CA VAL A 32 0.87 6.85 -9.34
C VAL A 32 -0.34 6.49 -10.16
N ILE A 33 -0.46 7.09 -11.32
CA ILE A 33 -1.60 6.88 -12.21
C ILE A 33 -1.12 6.28 -13.51
N GLU A 34 -1.93 5.42 -14.12
CA GLU A 34 -1.66 4.83 -15.42
C GLU A 34 -1.45 5.91 -16.49
N GLU A 35 -0.83 5.52 -17.60
CA GLU A 35 -0.49 6.48 -18.63
C GLU A 35 -1.70 7.34 -19.04
N MET A 36 -1.43 8.66 -19.02
CA MET A 36 -2.39 9.67 -19.39
C MET A 36 -1.59 10.95 -19.63
N SER A 37 -2.25 11.92 -20.26
CA SER A 37 -1.61 13.22 -20.42
C SER A 37 -2.03 14.13 -19.27
N LEU A 38 -1.10 14.91 -18.77
CA LEU A 38 -1.35 15.95 -17.80
C LEU A 38 -0.67 17.23 -18.31
N PRO A 39 -1.21 18.39 -17.91
CA PRO A 39 -0.66 19.66 -18.38
C PRO A 39 0.59 20.01 -17.59
N GLY A 40 1.45 20.80 -18.22
CA GLY A 40 2.62 21.38 -17.64
C GLY A 40 3.87 20.52 -17.78
N ARG A 41 4.87 21.00 -17.07
CA ARG A 41 6.19 20.45 -17.01
C ARG A 41 6.20 19.16 -16.19
N TRP A 42 7.13 18.30 -16.58
CA TRP A 42 7.37 17.06 -15.84
C TRP A 42 8.86 16.72 -15.84
N LYS A 43 9.24 15.81 -14.96
CA LYS A 43 10.60 15.30 -14.97
C LYS A 43 10.56 13.80 -14.72
N PRO A 44 11.57 13.11 -15.23
CA PRO A 44 11.62 11.66 -14.99
C PRO A 44 11.98 11.27 -13.55
N LYS A 45 11.40 10.11 -13.16
CA LYS A 45 11.59 9.54 -11.83
C LYS A 45 11.58 8.02 -11.91
N MET A 46 12.32 7.36 -11.03
CA MET A 46 12.16 5.94 -10.86
C MET A 46 11.51 5.64 -9.52
N ILE A 47 10.54 4.74 -9.53
CA ILE A 47 9.88 4.33 -8.28
C ILE A 47 9.85 2.81 -8.24
N GLY A 48 9.92 2.37 -6.97
CA GLY A 48 10.09 0.95 -6.75
C GLY A 48 9.17 0.40 -5.72
N GLY A 49 9.12 -0.93 -5.77
CA GLY A 49 8.26 -1.69 -4.90
C GLY A 49 8.53 -3.17 -5.12
N ILE A 50 7.53 -3.94 -4.73
CA ILE A 50 7.67 -5.35 -4.98
C ILE A 50 7.80 -5.53 -6.50
N GLY A 51 8.82 -6.33 -6.80
CA GLY A 51 9.05 -6.60 -8.21
C GLY A 51 10.07 -5.64 -8.79
N GLY A 52 10.50 -4.60 -8.12
CA GLY A 52 11.50 -3.71 -8.73
C GLY A 52 10.97 -2.32 -9.02
N PHE A 53 11.60 -1.69 -10.00
CA PHE A 53 11.32 -0.32 -10.35
C PHE A 53 10.70 -0.12 -11.73
N ILE A 54 9.98 0.97 -11.81
CA ILE A 54 9.48 1.48 -13.09
C ILE A 54 9.84 2.98 -13.23
N LYS A 55 9.94 3.43 -14.48
CA LYS A 55 10.14 4.82 -14.83
C LYS A 55 8.80 5.52 -15.01
N VAL A 56 8.69 6.68 -14.39
CA VAL A 56 7.48 7.49 -14.42
C VAL A 56 7.77 8.94 -14.76
N ARG A 57 6.73 9.68 -15.12
CA ARG A 57 6.82 11.11 -15.24
C ARG A 57 6.23 11.80 -14.02
N GLN A 58 6.97 12.72 -13.45
CA GLN A 58 6.56 13.48 -12.28
C GLN A 58 6.00 14.85 -12.64
N TYR A 59 4.73 15.06 -12.33
CA TYR A 59 4.02 16.30 -12.53
C TYR A 59 3.71 16.94 -11.20
N ASP A 60 4.10 18.20 -11.02
CA ASP A 60 3.76 18.80 -9.72
C ASP A 60 2.54 19.68 -9.83
N GLN A 61 1.95 19.97 -8.67
CA GLN A 61 0.81 20.88 -8.52
C GLN A 61 -0.34 20.48 -9.43
N ILE A 62 -0.72 19.20 -9.31
CA ILE A 62 -1.87 18.66 -10.01
C ILE A 62 -3.04 18.55 -9.07
N ILE A 63 -4.24 18.96 -9.51
CA ILE A 63 -5.43 18.80 -8.65
C ILE A 63 -6.15 17.50 -9.00
N ILE A 64 -6.59 16.82 -7.96
CA ILE A 64 -7.30 15.58 -8.08
C ILE A 64 -8.47 15.59 -7.11
N GLU A 65 -9.59 15.09 -7.59
CA GLU A 65 -10.73 14.88 -6.71
C GLU A 65 -10.75 13.43 -6.26
N ILE A 66 -10.71 13.18 -4.98
CA ILE A 66 -10.68 11.80 -4.49
C ILE A 66 -11.93 11.52 -3.69
N ALA A 67 -12.80 10.68 -4.22
CA ALA A 67 -14.07 10.39 -3.56
C ALA A 67 -14.76 11.69 -3.14
N GLY A 68 -14.73 12.70 -4.01
CA GLY A 68 -15.39 13.97 -3.77
C GLY A 68 -14.59 15.05 -3.01
N HIS A 69 -13.37 14.69 -2.61
CA HIS A 69 -12.52 15.56 -1.85
C HIS A 69 -11.37 16.07 -2.74
N LYS A 70 -11.22 17.37 -2.91
CA LYS A 70 -10.18 17.92 -3.75
C LYS A 70 -8.87 18.01 -2.95
N ALA A 71 -7.80 17.72 -3.67
CA ALA A 71 -6.45 17.76 -3.12
C ALA A 71 -5.54 18.21 -4.25
N ILE A 72 -4.40 18.75 -3.86
CA ILE A 72 -3.38 19.13 -4.87
C ILE A 72 -2.05 18.55 -4.43
N GLY A 73 -1.27 18.14 -5.42
CA GLY A 73 0.04 17.61 -5.09
C GLY A 73 0.69 17.02 -6.33
N THR A 74 1.76 16.32 -6.06
CA THR A 74 2.52 15.67 -7.11
C THR A 74 1.86 14.37 -7.54
N VAL A 75 1.77 14.15 -8.84
CA VAL A 75 1.25 12.94 -9.39
C VAL A 75 2.29 12.35 -10.35
N LEU A 76 2.50 11.06 -10.18
CA LEU A 76 3.42 10.29 -11.04
C LEU A 76 2.61 9.54 -12.07
N VAL A 77 3.08 9.50 -13.33
CA VAL A 77 2.36 8.85 -14.40
C VAL A 77 3.27 7.82 -15.06
N GLY A 78 2.77 6.59 -15.15
CA GLY A 78 3.62 5.58 -15.80
C GLY A 78 2.89 4.24 -15.82
N PRO A 79 3.62 3.21 -16.23
CA PRO A 79 3.01 1.89 -16.44
C PRO A 79 2.75 1.13 -15.12
N THR A 80 1.96 1.69 -14.24
CA THR A 80 1.59 1.02 -12.99
C THR A 80 0.46 0.04 -13.22
N PRO A 81 0.34 -1.11 -12.57
CA PRO A 81 -0.78 -2.02 -12.89
C PRO A 81 -2.09 -1.56 -12.27
N VAL A 82 -2.07 -0.61 -11.38
CA VAL A 82 -3.26 -0.14 -10.66
C VAL A 82 -3.09 1.34 -10.39
N ASN A 83 -4.11 2.19 -10.48
CA ASN A 83 -3.99 3.60 -10.04
C ASN A 83 -3.92 3.63 -8.52
N ILE A 84 -2.94 4.32 -7.98
CA ILE A 84 -2.68 4.36 -6.57
C ILE A 84 -2.69 5.75 -6.01
N ILE A 85 -3.50 5.99 -4.98
CA ILE A 85 -3.46 7.24 -4.23
C ILE A 85 -2.58 6.97 -3.01
N GLY A 86 -1.45 7.67 -2.97
CA GLY A 86 -0.50 7.49 -1.89
C GLY A 86 -0.62 8.59 -0.83
N ARG A 87 0.29 8.49 0.14
CA ARG A 87 0.16 9.29 1.33
C ARG A 87 0.26 10.78 1.02
N ASN A 88 0.97 11.16 -0.05
CA ASN A 88 1.07 12.60 -0.33
C ASN A 88 -0.29 13.27 -0.60
N LEU A 89 -1.28 12.52 -1.10
CA LEU A 89 -2.61 13.07 -1.26
C LEU A 89 -3.58 12.54 -0.18
N LEU A 90 -3.37 11.37 0.41
CA LEU A 90 -4.23 10.93 1.49
C LEU A 90 -4.15 11.90 2.67
N THR A 91 -3.00 12.49 2.95
CA THR A 91 -2.95 13.42 4.06
C THR A 91 -3.88 14.62 3.84
N GLN A 92 -3.99 15.04 2.58
CA GLN A 92 -4.71 16.27 2.24
C GLN A 92 -6.22 16.10 2.39
N ILE A 93 -6.68 14.87 2.34
CA ILE A 93 -8.12 14.64 2.53
C ILE A 93 -8.44 14.17 3.94
N GLY A 94 -7.39 14.17 4.77
CA GLY A 94 -7.53 13.86 6.17
C GLY A 94 -7.69 12.38 6.50
N ALA A 95 -7.13 11.54 5.65
CA ALA A 95 -7.28 10.11 5.87
C ALA A 95 -6.44 9.60 7.03
N THR A 96 -7.08 8.77 7.87
CA THR A 96 -6.37 8.09 8.94
C THR A 96 -6.66 6.60 8.95
N LEU A 97 -5.72 5.82 9.51
CA LEU A 97 -5.95 4.44 9.84
C LEU A 97 -6.34 4.35 11.32
N ASN A 98 -7.37 3.57 11.60
CA ASN A 98 -7.92 3.47 12.93
C ASN A 98 -8.09 2.02 13.36
N PHE A 99 -7.59 1.68 14.55
CA PHE A 99 -7.90 0.38 15.12
C PHE A 99 -7.75 0.45 16.63
N PRO B 1 -5.75 3.04 18.21
CA PRO B 1 -5.10 4.30 17.83
C PRO B 1 -5.60 4.80 16.48
N GLN B 2 -5.34 6.09 16.30
CA GLN B 2 -5.56 6.85 15.09
C GLN B 2 -4.19 7.25 14.54
N ILE B 3 -3.91 6.77 13.33
CA ILE B 3 -2.61 6.98 12.67
C ILE B 3 -2.80 7.87 11.45
N THR B 4 -2.15 9.02 11.52
CA THR B 4 -2.13 9.91 10.34
C THR B 4 -1.05 9.44 9.38
N LEU B 5 -1.02 10.08 8.21
CA LEU B 5 -0.18 9.54 7.13
C LEU B 5 0.90 10.50 6.65
N TRP B 6 1.26 11.50 7.45
CA TRP B 6 2.34 12.43 7.14
C TRP B 6 3.68 11.71 7.08
N LYS B 7 3.82 10.67 7.89
CA LYS B 7 4.96 9.80 7.89
C LYS B 7 4.51 8.38 7.50
N ARG B 8 5.42 7.52 7.10
CA ARG B 8 5.07 6.10 6.87
C ARG B 8 4.43 5.47 8.09
N PRO B 9 3.31 4.79 7.94
CA PRO B 9 2.66 4.14 9.12
C PRO B 9 3.33 2.85 9.55
N LEU B 10 4.47 3.02 10.18
CA LEU B 10 5.28 1.92 10.67
C LEU B 10 4.95 1.57 12.11
N VAL B 11 4.83 0.28 12.33
CA VAL B 11 4.53 -0.25 13.65
C VAL B 11 5.50 -1.41 13.96
N THR B 12 5.51 -1.76 15.26
CA THR B 12 6.30 -2.91 15.69
C THR B 12 5.40 -4.14 15.60
N ILE B 13 6.01 -5.18 15.03
CA ILE B 13 5.36 -6.49 15.00
C ILE B 13 6.23 -7.49 15.74
N LYS B 14 5.61 -8.61 16.16
CA LYS B 14 6.34 -9.68 16.80
C LYS B 14 5.92 -10.97 16.13
N ILE B 15 6.92 -11.67 15.65
CA ILE B 15 6.71 -12.91 14.89
C ILE B 15 7.89 -13.82 15.17
N GLY B 16 7.66 -15.11 15.42
CA GLY B 16 8.75 -16.01 15.76
C GLY B 16 9.50 -15.53 16.97
N GLY B 17 8.94 -14.76 17.90
CA GLY B 17 9.66 -14.28 19.08
C GLY B 17 10.50 -13.03 18.82
N GLN B 18 10.50 -12.57 17.58
CA GLN B 18 11.38 -11.53 17.12
C GLN B 18 10.57 -10.27 16.93
N LEU B 19 11.07 -9.13 17.36
CA LEU B 19 10.46 -7.85 17.01
C LEU B 19 10.95 -7.36 15.65
N LYS B 20 10.06 -6.82 14.82
CA LYS B 20 10.38 -6.26 13.54
C LYS B 20 9.50 -5.02 13.35
N GLU B 21 9.88 -4.19 12.39
CA GLU B 21 9.09 -3.05 11.97
C GLU B 21 8.37 -3.45 10.71
N ALA B 22 7.13 -3.01 10.56
CA ALA B 22 6.36 -3.25 9.34
C ALA B 22 5.46 -2.07 9.05
N LEU B 23 5.10 -1.96 7.78
CA LEU B 23 4.22 -0.93 7.28
C LEU B 23 2.78 -1.37 7.23
N LEU B 24 1.88 -0.62 7.83
CA LEU B 24 0.47 -0.92 7.61
C LEU B 24 0.05 -0.51 6.23
N ASP B 25 -0.34 -1.44 5.38
CA ASP B 25 -0.53 -1.17 3.97
C ASP B 25 -1.89 -1.56 3.40
N THR B 26 -2.78 -0.57 3.27
CA THR B 26 -4.10 -0.86 2.76
C THR B 26 -4.14 -1.24 1.29
N GLY B 27 -3.07 -0.97 0.59
CA GLY B 27 -2.91 -1.33 -0.83
C GLY B 27 -2.42 -2.74 -1.05
N ALA B 28 -2.17 -3.50 0.00
CA ALA B 28 -1.69 -4.86 -0.08
C ALA B 28 -2.77 -5.88 0.29
N ASP B 29 -3.04 -6.84 -0.60
CA ASP B 29 -3.98 -7.87 -0.22
C ASP B 29 -3.49 -8.74 0.93
N ASP B 30 -2.18 -8.95 0.93
CA ASP B 30 -1.46 -9.93 1.70
C ASP B 30 -0.32 -9.34 2.49
N THR B 31 0.08 -10.01 3.54
CA THR B 31 1.20 -9.69 4.42
C THR B 31 2.47 -10.34 3.90
N VAL B 32 3.50 -9.53 3.77
CA VAL B 32 4.76 -9.96 3.19
C VAL B 32 5.92 -9.52 4.11
N ILE B 33 6.74 -10.48 4.53
CA ILE B 33 7.90 -10.20 5.41
C ILE B 33 9.18 -10.66 4.73
N GLU B 34 10.27 -10.00 5.06
CA GLU B 34 11.59 -10.33 4.61
C GLU B 34 11.97 -11.73 5.09
N GLU B 35 12.93 -12.32 4.42
CA GLU B 35 13.43 -13.66 4.69
C GLU B 35 13.61 -13.90 6.17
N MET B 36 12.98 -14.95 6.64
CA MET B 36 13.08 -15.37 8.02
C MET B 36 12.59 -16.80 8.13
N SER B 37 12.89 -17.43 9.26
CA SER B 37 12.44 -18.81 9.40
C SER B 37 11.08 -18.84 10.07
N LEU B 38 10.15 -19.58 9.48
CA LEU B 38 8.86 -19.84 10.08
C LEU B 38 8.59 -21.32 10.19
N PRO B 39 7.79 -21.73 11.16
CA PRO B 39 7.51 -23.16 11.29
C PRO B 39 6.52 -23.70 10.27
N GLY B 40 6.59 -25.03 10.05
CA GLY B 40 5.64 -25.71 9.21
C GLY B 40 6.01 -25.72 7.75
N ARG B 41 5.07 -26.22 6.95
CA ARG B 41 5.23 -26.28 5.52
C ARG B 41 4.82 -24.97 4.85
N TRP B 42 5.37 -24.77 3.66
CA TRP B 42 4.93 -23.64 2.86
C TRP B 42 4.45 -24.10 1.47
N LYS B 43 3.75 -23.18 0.83
CA LYS B 43 3.19 -23.39 -0.51
C LYS B 43 3.57 -22.23 -1.39
N PRO B 44 3.59 -22.47 -2.69
CA PRO B 44 4.04 -21.37 -3.56
C PRO B 44 2.96 -20.33 -3.85
N LYS B 45 3.44 -19.09 -4.03
CA LYS B 45 2.56 -18.00 -4.39
C LYS B 45 3.35 -16.97 -5.18
N MET B 46 2.70 -16.39 -6.15
CA MET B 46 3.22 -15.30 -6.92
C MET B 46 2.46 -14.05 -6.53
N ILE B 47 3.19 -12.99 -6.27
CA ILE B 47 2.52 -11.71 -5.96
C ILE B 47 3.09 -10.64 -6.89
N GLY B 48 2.22 -9.66 -7.16
CA GLY B 48 2.48 -8.58 -8.08
C GLY B 48 2.54 -7.26 -7.34
N GLY B 49 3.50 -6.46 -7.74
CA GLY B 49 3.59 -5.09 -7.22
C GLY B 49 3.90 -4.15 -8.37
N ILE B 50 4.33 -2.96 -8.01
CA ILE B 50 4.55 -1.90 -8.96
C ILE B 50 5.54 -2.33 -10.01
N GLY B 51 6.52 -3.13 -9.64
CA GLY B 51 7.53 -3.51 -10.62
C GLY B 51 7.34 -4.79 -11.38
N GLY B 52 6.31 -5.56 -11.06
CA GLY B 52 6.15 -6.86 -11.69
C GLY B 52 5.93 -7.90 -10.60
N PHE B 53 6.05 -9.17 -10.93
CA PHE B 53 5.73 -10.30 -10.11
C PHE B 53 6.96 -10.94 -9.49
N ILE B 54 6.80 -11.46 -8.29
CA ILE B 54 7.79 -12.25 -7.60
C ILE B 54 7.17 -13.50 -6.99
N LYS B 55 8.02 -14.51 -6.79
CA LYS B 55 7.69 -15.71 -6.05
C LYS B 55 7.98 -15.54 -4.56
N VAL B 56 7.03 -16.00 -3.76
CA VAL B 56 7.21 -15.93 -2.32
C VAL B 56 6.82 -17.27 -1.70
N ARG B 57 7.10 -17.47 -0.45
CA ARG B 57 6.71 -18.65 0.33
C ARG B 57 5.51 -18.29 1.20
N GLN B 58 4.45 -19.06 1.02
CA GLN B 58 3.24 -18.87 1.79
C GLN B 58 3.16 -19.82 2.98
N TYR B 59 3.10 -19.23 4.16
CA TYR B 59 2.95 -19.93 5.43
C TYR B 59 1.59 -19.58 6.01
N ASP B 60 0.81 -20.62 6.27
CA ASP B 60 -0.53 -20.39 6.81
C ASP B 60 -0.53 -20.51 8.33
N GLN B 61 -1.48 -19.82 8.97
CA GLN B 61 -1.83 -19.90 10.39
C GLN B 61 -0.63 -19.60 11.28
N ILE B 62 0.02 -18.46 10.97
CA ILE B 62 1.16 -17.97 11.74
C ILE B 62 0.69 -16.95 12.76
N ILE B 63 1.18 -17.10 13.96
CA ILE B 63 0.88 -16.16 15.04
C ILE B 63 1.79 -14.94 14.90
N ILE B 64 1.17 -13.76 14.90
CA ILE B 64 1.89 -12.51 14.77
C ILE B 64 1.19 -11.45 15.61
N GLU B 65 1.95 -10.64 16.33
CA GLU B 65 1.41 -9.48 17.07
C GLU B 65 1.67 -8.24 16.27
N ILE B 66 0.66 -7.40 16.13
CA ILE B 66 0.82 -6.18 15.34
C ILE B 66 0.47 -4.98 16.19
N ALA B 67 1.43 -4.15 16.55
CA ALA B 67 1.09 -2.98 17.37
C ALA B 67 0.33 -3.43 18.61
N GLY B 68 0.72 -4.59 19.15
CA GLY B 68 0.11 -5.14 20.34
C GLY B 68 -1.21 -5.87 20.20
N HIS B 69 -1.69 -6.01 18.97
CA HIS B 69 -2.87 -6.78 18.64
C HIS B 69 -2.56 -8.13 18.05
N LYS B 70 -3.20 -9.17 18.57
CA LYS B 70 -2.92 -10.51 18.11
C LYS B 70 -3.69 -10.84 16.84
N ALA B 71 -2.94 -11.47 15.93
CA ALA B 71 -3.47 -11.97 14.69
C ALA B 71 -2.88 -13.38 14.45
N ILE B 72 -3.58 -14.20 13.72
CA ILE B 72 -3.12 -15.54 13.32
C ILE B 72 -3.59 -15.74 11.90
N GLY B 73 -2.63 -15.84 10.96
CA GLY B 73 -3.04 -15.94 9.58
C GLY B 73 -1.87 -16.13 8.67
N THR B 74 -2.10 -15.91 7.39
CA THR B 74 -1.13 -16.20 6.34
C THR B 74 -0.04 -15.12 6.26
N VAL B 75 1.20 -15.60 6.23
CA VAL B 75 2.33 -14.71 6.05
C VAL B 75 3.12 -15.20 4.84
N LEU B 76 3.43 -14.23 3.94
CA LEU B 76 4.27 -14.51 2.79
C LEU B 76 5.69 -14.03 3.10
N VAL B 77 6.64 -14.86 2.73
CA VAL B 77 8.04 -14.55 2.94
C VAL B 77 8.76 -14.41 1.60
N GLY B 78 9.43 -13.27 1.37
CA GLY B 78 10.13 -13.11 0.10
C GLY B 78 10.79 -11.74 0.07
N PRO B 79 11.40 -11.41 -1.07
CA PRO B 79 12.22 -10.21 -1.22
C PRO B 79 11.42 -8.94 -1.37
N THR B 80 10.90 -8.45 -0.26
CA THR B 80 10.12 -7.23 -0.24
C THR B 80 11.02 -6.10 0.26
N PRO B 81 10.86 -4.89 -0.27
CA PRO B 81 11.70 -3.78 0.15
C PRO B 81 11.46 -3.42 1.62
N VAL B 82 10.28 -3.65 2.16
CA VAL B 82 9.86 -3.37 3.51
C VAL B 82 8.84 -4.44 3.96
N ASN B 83 8.83 -4.77 5.25
CA ASN B 83 7.82 -5.65 5.77
C ASN B 83 6.45 -4.96 5.68
N ILE B 84 5.46 -5.65 5.15
CA ILE B 84 4.16 -5.06 4.92
C ILE B 84 3.06 -5.89 5.58
N ILE B 85 2.21 -5.18 6.31
CA ILE B 85 1.01 -5.80 6.88
C ILE B 85 -0.15 -5.47 5.95
N GLY B 86 -0.74 -6.45 5.30
CA GLY B 86 -1.78 -6.30 4.33
C GLY B 86 -3.16 -6.56 4.90
N ARG B 87 -4.14 -6.47 4.01
CA ARG B 87 -5.52 -6.47 4.47
C ARG B 87 -5.88 -7.77 5.17
N ASN B 88 -5.23 -8.86 4.82
CA ASN B 88 -5.63 -10.12 5.48
C ASN B 88 -5.45 -10.03 6.99
N LEU B 89 -4.45 -9.30 7.47
CA LEU B 89 -4.27 -9.17 8.92
C LEU B 89 -4.77 -7.82 9.40
N LEU B 90 -4.84 -6.77 8.61
CA LEU B 90 -5.45 -5.53 9.05
C LEU B 90 -6.89 -5.77 9.43
N THR B 91 -7.62 -6.64 8.71
CA THR B 91 -9.01 -6.93 9.10
C THR B 91 -9.03 -7.65 10.44
N GLN B 92 -8.06 -8.51 10.74
CA GLN B 92 -8.06 -9.20 12.02
C GLN B 92 -7.89 -8.25 13.19
N ILE B 93 -7.17 -7.13 13.01
CA ILE B 93 -6.94 -6.23 14.14
C ILE B 93 -7.98 -5.10 14.13
N GLY B 94 -8.94 -5.12 13.21
CA GLY B 94 -10.08 -4.21 13.22
C GLY B 94 -9.76 -2.91 12.54
N ALA B 95 -8.76 -2.85 11.66
CA ALA B 95 -8.42 -1.54 11.11
C ALA B 95 -9.39 -1.05 10.03
N THR B 96 -9.60 0.25 10.05
CA THR B 96 -10.37 0.88 8.99
C THR B 96 -9.63 2.14 8.54
N LEU B 97 -9.98 2.51 7.30
CA LEU B 97 -9.53 3.77 6.74
C LEU B 97 -10.63 4.81 6.89
N ASN B 98 -10.33 6.01 7.35
CA ASN B 98 -11.38 7.00 7.56
C ASN B 98 -10.98 8.36 7.03
N PHE B 99 -11.91 9.07 6.40
CA PHE B 99 -11.65 10.47 5.99
C PHE B 99 -13.00 11.22 5.90
N ASN C 1 8.93 4.85 -2.19
CA ASN C 1 8.50 3.46 -2.21
C ASN C 1 6.97 3.34 -2.35
N LEU C 2 6.61 2.42 -3.30
CA LEU C 2 5.17 2.29 -3.56
C LEU C 2 4.82 0.81 -3.39
N14 LNT C 3 4.17 0.48 -2.23
CA LNT C 3 3.78 -0.91 -1.93
C16 LNT C 3 2.23 -1.06 -1.99
C17 LNT C 3 4.34 -1.40 -0.59
C18 LNT C 3 5.85 -1.35 -0.26
C19 LNT C 3 6.73 -1.25 -1.51
C20 LNT C 3 6.21 -0.18 0.69
O21 LNT C 3 1.89 -2.16 -1.21
O22 LNT C 3 1.63 0.06 -1.32
N23 LNT C 3 1.80 -1.13 -3.38
C24 LNT C 3 0.75 -2.05 -3.82
C LNT C 3 1.27 -3.51 -3.80
O LNT C 3 2.42 -3.83 -4.08
C27 LNT C 3 0.20 -1.70 -5.23
OG1 LNT C 3 -1.03 -2.39 -5.46
C29 LNT C 3 1.10 -2.15 -6.38
N GLN C 4 0.32 -4.42 -3.45
CA GLN C 4 0.57 -5.86 -3.69
C GLN C 4 -0.80 -6.51 -3.99
N ILE C 5 -0.76 -7.28 -5.10
CA ILE C 5 -1.92 -8.11 -5.46
C ILE C 5 -1.45 -9.61 -5.36
NA NA D . 2.90 21.29 -12.74
CL CL E . 2.91 16.25 -3.03
CL CL F . -3.84 15.85 10.25
CL CL G . -5.01 -14.82 6.56
C1 GOL H . -0.11 0.18 22.06
O1 GOL H . 0.91 -0.77 21.90
C2 GOL H . -1.37 -0.30 21.34
O2 GOL H . -1.23 -0.04 19.96
C3 GOL H . -2.71 0.32 21.83
O3 GOL H . -3.68 0.00 20.85
#